data_4HMC
#
_entry.id   4HMC
#
_cell.length_a   67.622
_cell.length_b   67.622
_cell.length_c   257.188
_cell.angle_alpha   90.00
_cell.angle_beta   90.00
_cell.angle_gamma   120.00
#
_symmetry.space_group_name_H-M   'P 31 1 2'
#
loop_
_entity.id
_entity.type
_entity.pdbx_description
1 polymer 'Chitinase 60'
2 non-polymer 'SODIUM ION'
3 non-polymer GLYCEROL
4 water water
#
_entity_poly.entity_id   1
_entity_poly.type   'polypeptide(L)'
_entity_poly.pdbx_seq_one_letter_code
;GTITSQDDNVVVGYWHNWCDGRGYQGGNAPCVELKTVNPQYNVVNISFMKVYDIAEGRIPTFKLDPTIALSEAEFIAQID
TLNSQGRSVLIALGGADAHIELTRGDEDALAAEIIRLTDLYGFDGLDIDLEQAAITAKDNQFVIPAALKMVKEHYRKTGD
NFMITMAPEFPYLTANGAYTPYLTELDGYYDFINPQFYNQGGDGLWIEGVGWIAQNNDALKEEFIYYIADSLINGTRNYH
KIPHDKLVFGLPSNIDAAATGYIQDPQDLYKAFDRLKAQGQPLRGVMTWSVNWDMGTDAANNSYNQQFIKDYGNFIHNQL
PPVTDMTPTLSGIVDTRVELDSHFDPLIGITAKDYQGNDITADVTVSGSVNTNQVGDYLLTYSVSSDDETTNQPRKITVY
EILPAFTGITDTTVVIDSEFDPMQGVSASHPTQGDLTANITVTGEVDTNVVGVYELTYQLFYGQDNQQNMTDKRIVTVVT
DAVSDDDWQVGSTYVKDDKVTHNGATWTAQWWTKGEEPGTTGEWGVWR
;
_entity_poly.pdbx_strand_id   A
#
loop_
_chem_comp.id
_chem_comp.type
_chem_comp.name
_chem_comp.formula
GOL non-polymer GLYCEROL 'C3 H8 O3'
NA non-polymer 'SODIUM ION' 'Na 1'
#
# COMPACT_ATOMS: atom_id res chain seq x y z
N GLY A 1 8.35 -15.00 38.38
CA GLY A 1 6.89 -14.77 38.15
C GLY A 1 6.23 -15.42 36.94
N THR A 2 4.90 -15.30 36.85
CA THR A 2 4.15 -15.83 35.71
C THR A 2 3.76 -14.71 34.66
N ILE A 3 2.90 -15.05 33.68
CA ILE A 3 2.54 -14.11 32.60
C ILE A 3 1.66 -12.99 33.11
N THR A 4 2.27 -11.82 33.25
CA THR A 4 1.68 -10.64 33.80
C THR A 4 1.28 -9.70 32.63
N SER A 5 -0.02 -9.55 32.39
CA SER A 5 -0.50 -8.56 31.38
C SER A 5 -1.23 -7.38 32.03
N GLN A 6 -1.44 -6.30 31.28
CA GLN A 6 -2.02 -5.10 31.87
C GLN A 6 -3.45 -4.97 31.38
N ASP A 7 -4.38 -4.66 32.26
CA ASP A 7 -5.72 -4.39 31.81
C ASP A 7 -6.01 -2.91 31.78
N ASP A 8 -5.20 -2.07 32.44
CA ASP A 8 -5.54 -0.61 32.48
C ASP A 8 -4.59 0.15 31.56
N ASN A 9 -4.54 1.48 31.64
CA ASN A 9 -3.64 2.18 30.77
C ASN A 9 -2.18 1.78 31.06
N VAL A 10 -1.34 2.10 30.12
CA VAL A 10 0.05 1.69 30.18
C VAL A 10 0.88 2.92 29.94
N VAL A 11 2.10 2.95 30.50
CA VAL A 11 3.12 3.86 30.13
C VAL A 11 4.24 2.88 29.77
N VAL A 12 4.57 2.78 28.49
CA VAL A 12 5.51 1.78 28.02
C VAL A 12 6.88 2.43 27.90
N GLY A 13 7.94 1.69 28.19
CA GLY A 13 9.24 2.31 28.13
C GLY A 13 10.17 1.24 27.66
N TYR A 14 11.05 1.56 26.72
CA TYR A 14 12.01 0.59 26.16
C TYR A 14 13.30 0.63 26.93
N TRP A 15 13.97 -0.53 26.93
CA TRP A 15 15.13 -0.74 27.77
C TRP A 15 16.29 -1.19 26.88
N HIS A 16 17.36 -0.40 26.78
CA HIS A 16 18.45 -0.76 25.92
C HIS A 16 19.19 -1.93 26.49
N ASN A 17 19.28 -3.01 25.71
CA ASN A 17 20.30 -4.08 25.91
C ASN A 17 21.68 -3.74 25.43
N TRP A 18 22.17 -2.56 25.77
CA TRP A 18 23.52 -2.15 25.49
C TRP A 18 23.79 -0.91 26.32
N CYS A 19 25.06 -0.53 26.44
CA CYS A 19 25.49 0.58 27.25
C CYS A 19 25.91 1.80 26.43
N ASP A 20 25.74 2.97 27.01
CA ASP A 20 26.30 4.22 26.48
C ASP A 20 25.94 4.57 25.03
N GLY A 21 24.67 4.51 24.75
CA GLY A 21 24.20 4.97 23.47
C GLY A 21 24.39 6.48 23.33
N ARG A 22 24.66 6.90 22.09
CA ARG A 22 24.88 8.34 21.84
C ARG A 22 23.59 8.99 21.39
N GLY A 23 23.32 10.20 21.84
CA GLY A 23 22.04 10.87 21.56
C GLY A 23 22.13 11.62 20.25
N TYR A 24 20.98 11.93 19.72
CA TYR A 24 20.89 12.71 18.55
C TYR A 24 21.49 14.09 18.79
N GLN A 25 21.58 14.53 20.05
CA GLN A 25 22.17 15.84 20.35
C GLN A 25 23.43 15.74 21.21
N GLY A 26 24.23 14.67 21.02
CA GLY A 26 25.55 14.56 21.70
C GLY A 26 25.42 14.00 23.13
N GLY A 27 24.19 13.65 23.61
CA GLY A 27 24.01 13.23 25.01
C GLY A 27 24.34 11.75 25.15
N ASN A 28 24.18 11.16 26.35
CA ASN A 28 24.55 9.75 26.61
C ASN A 28 23.50 9.02 27.41
N ALA A 29 23.18 7.79 26.98
CA ALA A 29 22.24 6.90 27.59
C ALA A 29 22.99 5.65 28.11
N PRO A 30 23.27 5.64 29.41
CA PRO A 30 23.85 4.47 30.08
C PRO A 30 22.88 3.29 30.09
N CYS A 31 23.43 2.08 30.13
CA CYS A 31 22.63 0.89 30.44
C CYS A 31 22.17 0.97 31.90
N VAL A 32 20.99 0.44 32.18
CA VAL A 32 20.51 0.50 33.55
C VAL A 32 19.99 -0.86 33.91
N GLU A 33 20.14 -1.26 35.19
CA GLU A 33 19.47 -2.45 35.71
C GLU A 33 17.98 -2.26 35.61
N LEU A 34 17.27 -3.34 35.29
CA LEU A 34 15.80 -3.30 35.30
C LEU A 34 15.23 -2.79 36.55
N LYS A 35 15.85 -3.11 37.67
CA LYS A 35 15.22 -2.81 38.93
C LYS A 35 15.32 -1.30 39.13
N THR A 36 16.15 -0.59 38.37
CA THR A 36 16.19 0.83 38.64
C THR A 36 15.14 1.61 37.86
N VAL A 37 14.31 0.95 37.07
CA VAL A 37 13.34 1.64 36.22
C VAL A 37 12.13 2.10 37.02
N ASN A 38 11.70 3.33 36.81
CA ASN A 38 10.66 3.95 37.60
C ASN A 38 9.38 3.11 37.57
N PRO A 39 8.80 2.88 38.75
CA PRO A 39 7.66 1.99 38.86
C PRO A 39 6.54 2.40 37.97
N GLN A 40 6.44 3.69 37.61
CA GLN A 40 5.34 4.10 36.77
C GLN A 40 5.42 3.55 35.31
N TYR A 41 6.60 3.10 34.86
CA TYR A 41 6.68 2.36 33.60
C TYR A 41 6.12 0.96 33.84
N ASN A 42 4.84 0.68 33.51
CA ASN A 42 4.25 -0.65 33.82
C ASN A 42 4.42 -1.66 32.74
N VAL A 43 5.01 -1.23 31.64
CA VAL A 43 5.43 -2.11 30.53
C VAL A 43 6.86 -1.72 30.18
N VAL A 44 7.78 -2.66 30.29
CA VAL A 44 9.16 -2.36 29.93
C VAL A 44 9.55 -3.31 28.84
N ASN A 45 10.02 -2.81 27.68
CA ASN A 45 10.29 -3.66 26.52
C ASN A 45 11.79 -3.85 26.32
N ILE A 46 12.23 -5.07 26.50
CA ILE A 46 13.63 -5.41 26.33
C ILE A 46 13.98 -5.32 24.87
N SER A 47 14.98 -4.49 24.56
CA SER A 47 15.38 -4.20 23.20
C SER A 47 16.80 -4.71 22.84
N PHE A 48 16.98 -5.64 21.90
CA PHE A 48 15.98 -6.16 20.95
C PHE A 48 16.26 -7.62 20.75
N MET A 49 15.21 -8.34 20.40
CA MET A 49 15.32 -9.68 19.79
C MET A 49 15.69 -9.51 18.27
N LYS A 50 16.72 -10.21 17.81
CA LYS A 50 17.21 -10.02 16.46
C LYS A 50 18.12 -11.18 16.03
N VAL A 51 18.54 -11.14 14.77
CA VAL A 51 19.56 -12.10 14.33
C VAL A 51 20.93 -11.54 14.67
N TYR A 52 21.62 -12.32 15.46
CA TYR A 52 22.94 -12.01 15.94
C TYR A 52 24.03 -12.40 14.98
N ASP A 53 23.79 -13.44 14.22
CA ASP A 53 24.82 -13.98 13.37
C ASP A 53 24.12 -14.86 12.40
N ILE A 54 24.14 -14.48 11.12
CA ILE A 54 23.49 -15.31 10.11
C ILE A 54 23.93 -16.77 10.10
N ALA A 55 25.13 -17.04 10.61
CA ALA A 55 25.66 -18.38 10.72
C ALA A 55 24.92 -19.21 11.77
N GLU A 56 24.11 -18.59 12.60
CA GLU A 56 23.13 -19.34 13.41
C GLU A 56 21.78 -19.60 12.75
N GLY A 57 21.58 -19.16 11.51
CA GLY A 57 20.35 -19.42 10.77
C GLY A 57 19.48 -18.19 10.81
N ARG A 58 18.22 -18.32 10.41
CA ARG A 58 17.36 -17.10 10.17
C ARG A 58 16.53 -16.62 11.38
N ILE A 59 16.34 -17.52 12.34
CA ILE A 59 15.45 -17.26 13.43
C ILE A 59 16.10 -16.33 14.46
N PRO A 60 15.49 -15.17 14.68
CA PRO A 60 16.11 -14.23 15.60
C PRO A 60 16.04 -14.71 17.05
N THR A 61 16.95 -14.21 17.86
CA THR A 61 16.96 -14.63 19.23
C THR A 61 17.28 -13.44 20.15
N PHE A 62 17.41 -13.74 21.44
CA PHE A 62 17.83 -12.73 22.40
C PHE A 62 19.08 -13.10 23.18
N LYS A 63 20.06 -12.21 23.21
CA LYS A 63 21.25 -12.43 24.00
C LYS A 63 21.59 -11.18 24.79
N LEU A 64 21.53 -11.32 26.11
CA LEU A 64 21.78 -10.24 27.01
C LEU A 64 23.22 -9.75 26.89
N ASP A 65 23.43 -8.43 26.91
CA ASP A 65 24.80 -7.87 26.90
C ASP A 65 25.40 -7.98 28.32
N PRO A 66 26.54 -8.69 28.46
CA PRO A 66 26.96 -8.96 29.80
C PRO A 66 27.49 -7.76 30.49
N THR A 67 27.78 -6.72 29.71
CA THR A 67 28.40 -5.58 30.27
C THR A 67 27.36 -4.76 30.97
N ILE A 68 26.07 -5.13 30.88
CA ILE A 68 25.06 -4.39 31.67
C ILE A 68 25.23 -4.81 33.14
N ALA A 69 26.10 -5.80 33.35
CA ALA A 69 26.52 -6.25 34.66
C ALA A 69 25.42 -7.07 35.32
N LEU A 70 24.51 -7.64 34.54
CA LEU A 70 23.49 -8.58 35.01
C LEU A 70 23.80 -10.00 34.50
N SER A 71 24.05 -10.96 35.41
CA SER A 71 24.11 -12.39 35.04
C SER A 71 22.78 -12.78 34.42
N GLU A 72 22.73 -13.91 33.73
CA GLU A 72 21.46 -14.44 33.22
C GLU A 72 20.44 -14.59 34.36
N ALA A 73 20.86 -15.26 35.47
CA ALA A 73 20.04 -15.52 36.63
C ALA A 73 19.53 -14.23 37.31
N GLU A 74 20.40 -13.22 37.34
CA GLU A 74 20.01 -11.99 37.98
C GLU A 74 18.97 -11.25 37.10
N PHE A 75 19.20 -11.21 35.79
CA PHE A 75 18.21 -10.69 34.84
C PHE A 75 16.85 -11.34 34.98
N ILE A 76 16.83 -12.68 34.99
CA ILE A 76 15.56 -13.36 35.25
C ILE A 76 14.95 -12.86 36.60
N ALA A 77 15.79 -12.65 37.60
CA ALA A 77 15.31 -12.26 38.91
C ALA A 77 14.71 -10.84 38.91
N GLN A 78 15.33 -9.91 38.18
CA GLN A 78 14.78 -8.55 38.10
C GLN A 78 13.48 -8.53 37.32
N ILE A 79 13.36 -9.44 36.37
CA ILE A 79 12.07 -9.59 35.66
C ILE A 79 10.98 -10.04 36.63
N ASP A 80 11.36 -10.99 37.46
CA ASP A 80 10.52 -11.51 38.47
C ASP A 80 10.11 -10.43 39.48
N THR A 81 11.10 -9.65 39.94
CA THR A 81 10.70 -8.50 40.72
C THR A 81 9.63 -7.64 40.01
N LEU A 82 9.83 -7.32 38.72
CA LEU A 82 8.85 -6.43 38.08
C LEU A 82 7.47 -7.07 38.09
N ASN A 83 7.42 -8.35 37.73
CA ASN A 83 6.19 -9.11 37.69
C ASN A 83 5.51 -9.11 39.04
N SER A 84 6.26 -9.31 40.10
CA SER A 84 5.59 -9.37 41.39
C SER A 84 5.03 -8.03 41.76
N GLN A 85 5.55 -6.94 41.18
CA GLN A 85 4.95 -5.60 41.31
C GLN A 85 3.76 -5.41 40.34
N GLY A 86 3.30 -6.47 39.64
CA GLY A 86 2.24 -6.31 38.66
C GLY A 86 2.64 -5.66 37.31
N ARG A 87 3.95 -5.56 37.02
CA ARG A 87 4.39 -4.83 35.87
C ARG A 87 4.72 -5.83 34.76
N SER A 88 4.59 -5.45 33.47
CA SER A 88 4.96 -6.37 32.34
C SER A 88 6.34 -6.09 31.72
N VAL A 89 7.01 -7.18 31.31
CA VAL A 89 8.27 -7.12 30.58
C VAL A 89 8.11 -7.89 29.25
N LEU A 90 8.30 -7.18 28.13
CA LEU A 90 8.03 -7.70 26.75
C LEU A 90 9.34 -7.91 26.08
N ILE A 91 9.45 -8.79 25.11
CA ILE A 91 10.65 -8.82 24.34
C ILE A 91 10.32 -8.01 23.04
N ALA A 92 11.12 -6.98 22.72
CA ALA A 92 10.90 -6.22 21.50
C ALA A 92 11.70 -6.82 20.34
N LEU A 93 10.95 -7.33 19.35
CA LEU A 93 11.46 -7.92 18.16
C LEU A 93 11.75 -6.83 17.09
N GLY A 94 12.96 -6.78 16.59
CA GLY A 94 13.30 -5.78 15.60
C GLY A 94 14.47 -4.85 15.93
N GLY A 95 14.23 -3.56 15.76
CA GLY A 95 15.25 -2.55 15.97
C GLY A 95 16.18 -2.53 14.78
N ALA A 96 17.18 -1.64 14.86
CA ALA A 96 18.00 -1.35 13.69
C ALA A 96 18.90 -2.52 13.41
N ASP A 97 19.11 -2.83 12.14
CA ASP A 97 20.17 -3.76 11.78
C ASP A 97 19.93 -5.17 12.41
N ALA A 98 18.65 -5.55 12.41
CA ALA A 98 18.16 -6.80 13.00
C ALA A 98 18.40 -8.01 12.10
N HIS A 99 18.73 -7.81 10.81
CA HIS A 99 18.96 -8.94 9.87
C HIS A 99 17.86 -10.01 9.93
N ILE A 100 16.61 -9.59 10.12
CA ILE A 100 15.47 -10.50 10.14
C ILE A 100 14.90 -10.60 8.74
N GLU A 101 15.08 -11.75 8.10
CA GLU A 101 14.59 -12.01 6.74
C GLU A 101 14.06 -13.42 6.63
N LEU A 102 12.80 -13.57 6.98
CA LEU A 102 12.23 -14.88 7.16
C LEU A 102 11.56 -15.39 5.89
N THR A 103 11.74 -16.70 5.65
CA THR A 103 11.05 -17.44 4.60
C THR A 103 9.87 -18.17 5.13
N ARG A 104 8.86 -18.27 4.28
CA ARG A 104 7.73 -19.17 4.45
C ARG A 104 8.24 -20.54 4.90
N GLY A 105 7.60 -21.10 5.93
CA GLY A 105 8.07 -22.31 6.63
C GLY A 105 8.69 -22.01 7.99
N ASP A 106 9.26 -20.81 8.13
CA ASP A 106 10.00 -20.42 9.34
C ASP A 106 9.08 -20.13 10.56
N GLU A 107 7.77 -20.09 10.33
CA GLU A 107 6.84 -19.73 11.38
C GLU A 107 6.88 -20.71 12.58
N ASP A 108 7.07 -21.99 12.31
CA ASP A 108 7.14 -22.96 13.38
C ASP A 108 8.36 -22.77 14.23
N ALA A 109 9.53 -22.66 13.61
CA ALA A 109 10.74 -22.47 14.41
C ALA A 109 10.72 -21.13 15.17
N LEU A 110 10.15 -20.09 14.56
CA LEU A 110 10.13 -18.79 15.25
C LEU A 110 9.27 -18.87 16.50
N ALA A 111 8.12 -19.51 16.38
CA ALA A 111 7.19 -19.57 17.50
C ALA A 111 7.87 -20.30 18.68
N ALA A 112 8.64 -21.33 18.33
CA ALA A 112 9.21 -22.21 19.30
C ALA A 112 10.29 -21.44 20.02
N GLU A 113 11.00 -20.58 19.31
CA GLU A 113 12.08 -19.81 19.93
C GLU A 113 11.42 -18.73 20.78
N ILE A 114 10.33 -18.13 20.29
CA ILE A 114 9.62 -17.15 21.14
C ILE A 114 9.19 -17.76 22.49
N ILE A 115 8.48 -18.89 22.46
CA ILE A 115 8.11 -19.62 23.66
C ILE A 115 9.32 -20.01 24.52
N ARG A 116 10.33 -20.60 23.92
CA ARG A 116 11.54 -20.90 24.66
C ARG A 116 12.00 -19.67 25.45
N LEU A 117 12.15 -18.55 24.74
CA LEU A 117 12.65 -17.33 25.37
C LEU A 117 11.70 -16.80 26.45
N THR A 118 10.41 -16.81 26.20
CA THR A 118 9.44 -16.41 27.20
C THR A 118 9.42 -17.27 28.48
N ASP A 119 9.57 -18.57 28.30
CA ASP A 119 9.65 -19.48 29.45
C ASP A 119 10.97 -19.31 30.24
N LEU A 120 12.09 -19.10 29.57
CA LEU A 120 13.33 -18.94 30.31
C LEU A 120 13.34 -17.59 31.06
N TYR A 121 12.99 -16.52 30.36
CA TYR A 121 13.24 -15.25 30.99
C TYR A 121 12.07 -14.75 31.78
N GLY A 122 10.91 -15.30 31.51
CA GLY A 122 9.69 -14.85 32.17
C GLY A 122 9.07 -13.64 31.50
N PHE A 123 9.24 -13.49 30.18
CA PHE A 123 8.67 -12.38 29.44
C PHE A 123 7.16 -12.51 29.42
N ASP A 124 6.49 -11.39 29.28
CA ASP A 124 5.04 -11.43 29.33
C ASP A 124 4.47 -11.29 27.95
N GLY A 125 5.34 -11.20 26.94
CA GLY A 125 4.88 -10.89 25.57
C GLY A 125 5.93 -10.32 24.64
N LEU A 126 5.44 -9.84 23.47
CA LEU A 126 6.32 -9.43 22.40
C LEU A 126 5.78 -8.23 21.61
N ASP A 127 6.65 -7.24 21.43
CA ASP A 127 6.43 -5.99 20.74
C ASP A 127 7.10 -6.19 19.40
N ILE A 128 6.34 -6.01 18.35
CA ILE A 128 6.86 -6.01 16.96
C ILE A 128 7.32 -4.60 16.58
N ASP A 129 8.64 -4.43 16.58
CA ASP A 129 9.28 -3.17 16.42
C ASP A 129 10.27 -3.24 15.25
N LEU A 130 9.74 -3.66 14.12
CA LEU A 130 10.55 -3.82 12.91
C LEU A 130 11.08 -2.50 12.34
N GLU A 131 12.37 -2.42 12.12
CA GLU A 131 12.98 -1.44 11.21
C GLU A 131 12.49 -1.51 9.76
N GLN A 132 12.56 -0.38 9.10
CA GLN A 132 12.16 -0.22 7.72
C GLN A 132 12.31 -1.39 6.78
N ALA A 133 13.52 -1.74 6.40
CA ALA A 133 13.69 -2.90 5.50
C ALA A 133 12.96 -4.17 6.00
N ALA A 134 12.97 -4.39 7.32
CA ALA A 134 12.41 -5.59 7.90
C ALA A 134 10.89 -5.70 7.87
N ILE A 135 10.17 -4.60 7.73
CA ILE A 135 8.70 -4.64 7.72
C ILE A 135 8.26 -5.53 6.55
N THR A 136 8.95 -5.36 5.45
CA THR A 136 8.53 -5.99 4.24
C THR A 136 9.55 -7.03 3.76
N ALA A 137 10.74 -7.16 4.38
CA ALA A 137 11.76 -8.10 3.85
C ALA A 137 11.16 -9.49 3.74
N LYS A 138 11.58 -10.22 2.70
CA LYS A 138 11.17 -11.61 2.32
C LYS A 138 9.77 -11.95 2.71
N ASP A 139 9.54 -13.00 3.51
CA ASP A 139 8.14 -13.35 3.91
C ASP A 139 7.77 -12.92 5.34
N ASN A 140 8.43 -11.87 5.85
CA ASN A 140 8.21 -11.37 7.19
C ASN A 140 6.77 -11.09 7.43
N GLN A 141 6.12 -10.57 6.41
CA GLN A 141 4.72 -10.15 6.57
C GLN A 141 3.84 -11.36 6.78
N PHE A 142 4.35 -12.54 6.44
CA PHE A 142 3.54 -13.72 6.64
C PHE A 142 4.06 -14.49 7.86
N VAL A 143 5.37 -14.65 7.97
CA VAL A 143 5.93 -15.53 8.98
C VAL A 143 5.64 -15.01 10.42
N ILE A 144 5.85 -13.71 10.64
CA ILE A 144 5.77 -13.10 11.96
C ILE A 144 4.34 -13.18 12.52
N PRO A 145 3.36 -12.85 11.74
CA PRO A 145 2.03 -13.06 12.33
C PRO A 145 1.64 -14.55 12.54
N ALA A 146 1.97 -15.40 11.58
CA ALA A 146 1.65 -16.81 11.66
C ALA A 146 2.25 -17.39 12.98
N ALA A 147 3.49 -17.08 13.23
CA ALA A 147 4.18 -17.53 14.41
C ALA A 147 3.56 -16.94 15.63
N LEU A 148 3.23 -15.64 15.58
CA LEU A 148 2.62 -14.98 16.74
C LEU A 148 1.24 -15.52 17.02
N LYS A 149 0.52 -16.00 16.02
CA LYS A 149 -0.77 -16.61 16.36
C LYS A 149 -0.55 -17.86 17.19
N MET A 150 0.44 -18.65 16.80
CA MET A 150 0.67 -19.94 17.42
C MET A 150 1.12 -19.73 18.87
N VAL A 151 1.87 -18.64 19.07
CA VAL A 151 2.38 -18.36 20.38
C VAL A 151 1.21 -17.92 21.29
N LYS A 152 0.36 -17.02 20.80
CA LYS A 152 -0.80 -16.50 21.60
C LYS A 152 -1.66 -17.66 22.01
N GLU A 153 -1.83 -18.60 21.07
CA GLU A 153 -2.62 -19.79 21.28
C GLU A 153 -2.01 -20.77 22.28
N HIS A 154 -0.71 -21.06 22.14
CA HIS A 154 0.02 -21.90 23.12
C HIS A 154 -0.36 -21.46 24.52
N TYR A 155 -0.12 -20.17 24.82
CA TYR A 155 -0.35 -19.63 26.18
C TYR A 155 -1.81 -19.40 26.56
N ARG A 156 -2.72 -19.20 25.61
CA ARG A 156 -4.13 -19.28 25.90
C ARG A 156 -4.54 -20.67 26.37
N LYS A 157 -3.92 -21.71 25.86
CA LYS A 157 -4.24 -23.07 26.31
C LYS A 157 -4.09 -23.18 27.82
N THR A 158 -3.11 -22.51 28.42
CA THR A 158 -2.90 -22.66 29.85
C THR A 158 -3.43 -21.46 30.59
N GLY A 159 -4.41 -20.78 30.00
CA GLY A 159 -5.07 -19.66 30.63
C GLY A 159 -4.27 -18.35 30.69
N ASP A 160 -3.12 -18.23 30.01
CA ASP A 160 -2.38 -16.94 29.98
C ASP A 160 -2.61 -16.06 28.74
N ASN A 161 -2.65 -14.75 29.00
CA ASN A 161 -2.72 -13.72 27.94
C ASN A 161 -1.27 -13.29 27.62
N PHE A 162 -0.56 -14.00 26.73
CA PHE A 162 0.75 -13.51 26.20
C PHE A 162 0.47 -12.22 25.42
N MET A 163 1.11 -11.13 25.80
CA MET A 163 0.80 -9.90 25.15
C MET A 163 1.44 -9.73 23.78
N ILE A 164 0.72 -9.09 22.89
CA ILE A 164 1.29 -8.68 21.60
C ILE A 164 1.10 -7.20 21.37
N THR A 165 2.20 -6.50 21.15
CA THR A 165 2.13 -5.09 20.81
C THR A 165 2.91 -4.86 19.51
N MET A 166 2.71 -3.72 18.91
CA MET A 166 3.55 -3.28 17.77
C MET A 166 3.86 -1.78 17.82
N ALA A 167 5.04 -1.44 17.34
CA ALA A 167 5.59 -0.07 17.26
C ALA A 167 5.87 0.41 15.82
N PRO A 168 4.91 0.24 14.91
CA PRO A 168 5.12 0.90 13.61
C PRO A 168 5.38 2.42 13.64
N GLU A 169 6.27 2.86 12.76
CA GLU A 169 6.34 4.31 12.49
C GLU A 169 5.02 4.76 11.89
N PHE A 170 4.50 5.89 12.36
CA PHE A 170 3.14 6.26 11.96
C PHE A 170 2.90 6.33 10.41
N PRO A 171 3.85 6.82 9.61
CA PRO A 171 3.46 6.89 8.17
C PRO A 171 3.11 5.51 7.53
N TYR A 172 3.38 4.41 8.22
CA TYR A 172 3.11 3.06 7.71
C TYR A 172 1.71 2.55 8.00
N LEU A 173 0.90 3.39 8.62
CA LEU A 173 -0.39 3.00 9.09
C LEU A 173 -1.53 3.45 8.19
N THR A 174 -1.22 3.85 6.95
CA THR A 174 -2.25 4.18 5.98
C THR A 174 -2.94 2.89 5.63
N ALA A 175 -4.21 3.03 5.20
CA ALA A 175 -5.12 1.90 4.94
C ALA A 175 -4.47 0.76 4.16
N ASN A 176 -3.61 1.09 3.21
CA ASN A 176 -2.99 0.07 2.39
C ASN A 176 -1.49 -0.04 2.49
N GLY A 177 -0.95 0.33 3.64
CA GLY A 177 0.46 0.41 3.80
C GLY A 177 1.09 -0.91 4.22
N ALA A 178 2.40 -0.85 4.41
CA ALA A 178 3.21 -2.01 4.69
C ALA A 178 2.85 -2.75 5.97
N TYR A 179 2.24 -2.06 6.97
CA TYR A 179 1.92 -2.73 8.24
C TYR A 179 0.55 -3.45 8.15
N THR A 180 -0.21 -3.24 7.07
CA THR A 180 -1.54 -3.87 6.87
C THR A 180 -1.57 -5.28 7.35
N PRO A 181 -0.73 -6.18 6.79
CA PRO A 181 -0.91 -7.59 7.10
C PRO A 181 -0.67 -7.94 8.55
N TYR A 182 0.21 -7.22 9.25
CA TYR A 182 0.46 -7.48 10.66
C TYR A 182 -0.77 -7.13 11.41
N LEU A 183 -1.29 -5.95 11.18
CA LEU A 183 -2.52 -5.49 11.88
C LEU A 183 -3.78 -6.30 11.57
N THR A 184 -3.92 -6.78 10.36
CA THR A 184 -5.17 -7.50 10.02
C THR A 184 -5.04 -8.93 10.44
N GLU A 185 -3.93 -9.59 10.12
CA GLU A 185 -3.74 -10.97 10.60
C GLU A 185 -3.77 -11.13 12.12
N LEU A 186 -3.14 -10.22 12.85
CA LEU A 186 -3.11 -10.27 14.34
C LEU A 186 -4.35 -9.52 14.93
N ASP A 187 -5.31 -9.24 14.10
CA ASP A 187 -6.53 -8.62 14.62
C ASP A 187 -7.25 -9.53 15.63
N GLY A 188 -7.48 -8.98 16.82
CA GLY A 188 -8.00 -9.73 17.97
C GLY A 188 -6.93 -10.35 18.85
N TYR A 189 -5.74 -10.56 18.31
CA TYR A 189 -4.61 -11.09 19.04
C TYR A 189 -3.80 -10.01 19.74
N TYR A 190 -3.75 -8.81 19.17
CA TYR A 190 -2.78 -7.87 19.71
C TYR A 190 -3.44 -7.17 20.84
N ASP A 191 -2.64 -6.75 21.81
CA ASP A 191 -3.18 -6.06 22.96
C ASP A 191 -3.25 -4.54 22.81
N PHE A 192 -2.26 -3.92 22.20
CA PHE A 192 -2.42 -2.49 21.85
C PHE A 192 -1.31 -2.20 20.86
N ILE A 193 -1.44 -1.13 20.11
CA ILE A 193 -0.38 -0.77 19.21
C ILE A 193 0.19 0.52 19.81
N ASN A 194 1.52 0.62 19.87
CA ASN A 194 2.23 1.87 20.22
C ASN A 194 3.07 2.46 19.04
N PRO A 195 2.40 3.17 18.15
CA PRO A 195 3.18 3.71 17.06
C PRO A 195 4.18 4.77 17.54
N GLN A 196 5.20 4.88 16.76
CA GLN A 196 6.18 5.92 16.87
C GLN A 196 5.77 7.14 16.11
N PHE A 197 5.40 8.16 16.85
CA PHE A 197 5.10 9.42 16.26
C PHE A 197 6.33 10.30 16.32
N TYR A 198 7.44 9.81 15.83
CA TYR A 198 8.67 10.61 15.89
C TYR A 198 9.68 10.15 14.82
N ASN A 199 10.82 10.82 14.67
CA ASN A 199 11.75 10.50 13.57
C ASN A 199 11.25 10.56 12.12
N GLN A 200 10.07 11.12 11.83
CA GLN A 200 9.52 11.16 10.48
C GLN A 200 9.58 12.52 9.89
N GLY A 201 10.28 13.44 10.58
CA GLY A 201 10.49 14.81 10.10
C GLY A 201 9.20 15.57 9.78
N GLY A 202 9.09 16.06 8.55
CA GLY A 202 7.93 16.81 8.07
C GLY A 202 6.70 15.95 7.70
N ASP A 203 6.82 14.64 7.84
CA ASP A 203 5.66 13.81 7.56
C ASP A 203 4.50 14.15 8.50
N GLY A 204 3.26 13.80 8.12
CA GLY A 204 2.11 14.31 8.86
C GLY A 204 0.79 13.99 8.19
N LEU A 205 -0.22 14.86 8.29
CA LEU A 205 -1.47 14.67 7.50
C LEU A 205 -2.15 15.95 7.25
N TRP A 206 -3.08 15.89 6.29
CA TRP A 206 -3.82 17.02 5.87
C TRP A 206 -5.22 16.95 6.43
N ILE A 207 -5.61 18.01 7.13
CA ILE A 207 -6.94 18.08 7.73
C ILE A 207 -7.77 19.07 6.93
N GLU A 208 -8.75 18.58 6.15
CA GLU A 208 -9.45 19.43 5.13
C GLU A 208 -9.95 20.79 5.69
N GLY A 209 -10.14 20.82 7.01
CA GLY A 209 -10.40 22.02 7.75
C GLY A 209 -9.24 22.96 7.97
N VAL A 210 -8.10 22.50 8.48
CA VAL A 210 -7.08 23.47 8.91
C VAL A 210 -5.72 23.33 8.29
N GLY A 211 -5.56 22.35 7.40
CA GLY A 211 -4.33 22.27 6.63
C GLY A 211 -3.33 21.20 7.06
N TRP A 212 -2.07 21.45 6.76
CA TRP A 212 -1.07 20.43 6.84
C TRP A 212 -0.48 20.42 8.22
N ILE A 213 -0.44 19.25 8.85
CA ILE A 213 0.03 19.14 10.25
C ILE A 213 1.15 18.14 10.34
N ALA A 214 2.34 18.66 10.64
CA ALA A 214 3.57 17.94 10.45
C ALA A 214 3.95 17.46 11.81
N GLN A 215 4.50 16.27 11.84
CA GLN A 215 5.01 15.68 13.09
C GLN A 215 6.14 16.52 13.75
N ASN A 216 6.78 17.44 13.00
CA ASN A 216 7.88 18.23 13.59
C ASN A 216 7.46 19.66 13.79
N ASN A 217 6.17 19.92 13.72
CA ASN A 217 5.73 21.27 13.95
C ASN A 217 5.37 21.48 15.41
N ASP A 218 6.25 22.17 16.11
CA ASP A 218 6.03 22.38 17.53
C ASP A 218 4.94 23.40 17.82
N ALA A 219 4.59 24.22 16.86
CA ALA A 219 3.49 25.14 17.06
C ALA A 219 2.14 24.42 17.03
N LEU A 220 2.07 23.25 16.41
CA LEU A 220 0.82 22.58 16.32
C LEU A 220 0.87 21.13 16.83
N LYS A 221 1.67 20.87 17.85
CA LYS A 221 1.75 19.52 18.49
C LYS A 221 0.39 19.06 18.98
N GLU A 222 -0.36 19.93 19.66
CA GLU A 222 -1.66 19.51 20.15
C GLU A 222 -2.52 19.01 18.98
N GLU A 223 -2.51 19.73 17.87
CA GLU A 223 -3.32 19.35 16.71
C GLU A 223 -2.73 18.11 16.09
N PHE A 224 -1.41 17.97 16.08
CA PHE A 224 -0.85 16.71 15.58
C PHE A 224 -1.34 15.48 16.31
N ILE A 225 -1.29 15.56 17.64
CA ILE A 225 -1.58 14.45 18.50
C ILE A 225 -3.06 14.13 18.30
N TYR A 226 -3.86 15.16 18.39
CA TYR A 226 -5.31 14.92 18.30
C TYR A 226 -5.80 14.36 16.97
N TYR A 227 -5.47 15.02 15.85
CA TYR A 227 -5.94 14.56 14.54
C TYR A 227 -5.33 13.24 14.10
N ILE A 228 -4.05 12.99 14.41
CA ILE A 228 -3.50 11.70 14.03
C ILE A 228 -4.21 10.61 14.83
N ALA A 229 -4.46 10.84 16.13
CA ALA A 229 -5.12 9.79 16.92
C ALA A 229 -6.55 9.62 16.50
N ASP A 230 -7.26 10.72 16.34
CA ASP A 230 -8.67 10.69 15.87
C ASP A 230 -8.86 9.89 14.57
N SER A 231 -7.93 10.13 13.64
CA SER A 231 -7.87 9.43 12.39
C SER A 231 -7.66 7.93 12.61
N LEU A 232 -6.69 7.56 13.46
CA LEU A 232 -6.44 6.14 13.68
C LEU A 232 -7.61 5.45 14.37
N ILE A 233 -8.18 6.12 15.35
CA ILE A 233 -9.22 5.44 16.12
C ILE A 233 -10.58 5.35 15.44
N ASN A 234 -10.75 6.11 14.36
CA ASN A 234 -11.92 6.00 13.51
C ASN A 234 -11.63 5.46 12.15
N GLY A 235 -10.38 5.17 11.85
CA GLY A 235 -10.03 4.69 10.52
C GLY A 235 -10.40 5.66 9.40
N THR A 236 -10.14 6.94 9.62
CA THR A 236 -10.50 7.99 8.69
C THR A 236 -9.20 8.62 8.21
N ARG A 237 -9.30 9.47 7.19
CA ARG A 237 -8.20 10.24 6.64
C ARG A 237 -7.12 9.34 6.15
N ASN A 238 -7.57 8.19 5.68
CA ASN A 238 -6.73 7.21 5.07
C ASN A 238 -5.86 6.38 5.99
N TYR A 239 -6.26 6.22 7.25
CA TYR A 239 -5.50 5.39 8.20
C TYR A 239 -6.29 4.11 8.50
N HIS A 240 -5.55 3.03 8.64
CA HIS A 240 -6.07 1.77 9.17
C HIS A 240 -6.57 2.00 10.56
N LYS A 241 -7.74 1.44 10.91
CA LYS A 241 -8.32 1.66 12.20
C LYS A 241 -7.64 0.88 13.36
N ILE A 242 -7.29 1.61 14.41
CA ILE A 242 -6.75 1.05 15.66
C ILE A 242 -7.60 1.63 16.72
N PRO A 243 -8.45 0.81 17.32
CA PRO A 243 -9.42 1.25 18.33
C PRO A 243 -8.76 2.01 19.48
N HIS A 244 -9.49 2.98 20.03
CA HIS A 244 -8.86 3.91 21.00
C HIS A 244 -8.32 3.17 22.23
N ASP A 245 -9.03 2.11 22.63
CA ASP A 245 -8.67 1.30 23.81
C ASP A 245 -7.38 0.55 23.57
N LYS A 246 -6.93 0.53 22.32
CA LYS A 246 -5.73 -0.12 21.93
C LYS A 246 -4.71 0.84 21.33
N LEU A 247 -4.88 2.15 21.52
CA LEU A 247 -3.91 3.01 20.91
C LEU A 247 -3.06 3.62 22.01
N VAL A 248 -1.72 3.44 21.92
CA VAL A 248 -0.75 4.07 22.85
C VAL A 248 0.15 5.00 22.01
N PHE A 249 0.31 6.23 22.45
CA PHE A 249 1.03 7.20 21.70
C PHE A 249 2.53 7.17 21.99
N GLY A 250 3.34 6.70 21.05
CA GLY A 250 4.81 6.61 21.24
C GLY A 250 5.59 7.89 21.01
N LEU A 251 6.44 8.29 21.97
CA LEU A 251 7.21 9.51 21.92
C LEU A 251 8.66 9.31 22.28
N PRO A 252 9.53 10.22 21.85
CA PRO A 252 10.91 10.27 22.37
C PRO A 252 10.91 10.85 23.78
N SER A 253 11.78 10.34 24.63
CA SER A 253 11.82 10.79 26.00
C SER A 253 12.31 12.23 26.15
N ASN A 254 13.25 12.58 25.25
CA ASN A 254 13.86 13.89 25.14
C ASN A 254 14.55 14.09 23.79
N ILE A 255 15.14 15.28 23.56
CA ILE A 255 15.73 15.56 22.25
C ILE A 255 16.91 14.66 21.89
N ASP A 256 17.51 14.00 22.89
CA ASP A 256 18.63 13.08 22.55
C ASP A 256 18.13 11.70 22.07
N ALA A 257 16.84 11.39 22.38
CA ALA A 257 16.30 10.03 22.13
C ALA A 257 15.85 9.81 20.65
N ALA A 258 15.69 10.88 19.88
CA ALA A 258 15.11 10.81 18.53
C ALA A 258 15.55 12.06 17.84
N ALA A 259 15.60 12.04 16.50
CA ALA A 259 15.86 13.24 15.70
C ALA A 259 14.69 14.23 15.81
N THR A 260 13.47 13.78 15.66
CA THR A 260 12.37 14.75 15.73
C THR A 260 11.24 14.10 16.47
N GLY A 261 10.25 14.88 16.91
CA GLY A 261 9.10 14.29 17.57
C GLY A 261 8.90 14.62 19.04
N TYR A 262 9.94 15.10 19.73
CA TYR A 262 9.86 15.29 21.14
C TYR A 262 8.80 16.39 21.44
N ILE A 263 8.06 16.17 22.48
CA ILE A 263 7.06 17.24 22.83
C ILE A 263 7.70 18.25 23.74
N GLN A 264 7.78 19.48 23.25
CA GLN A 264 8.38 20.54 24.05
C GLN A 264 7.47 20.91 25.19
N ASP A 265 6.18 21.03 24.95
CA ASP A 265 5.24 21.44 25.99
C ASP A 265 4.16 20.34 26.20
N PRO A 266 4.21 19.66 27.36
CA PRO A 266 3.37 18.51 27.74
C PRO A 266 1.91 18.84 27.73
N GLN A 267 1.61 20.10 27.99
CA GLN A 267 0.30 20.56 27.90
C GLN A 267 -0.34 20.16 26.57
N ASP A 268 0.44 20.23 25.49
CA ASP A 268 -0.10 19.88 24.19
C ASP A 268 -0.69 18.48 24.18
N LEU A 269 0.04 17.53 24.79
CA LEU A 269 -0.45 16.16 24.94
C LEU A 269 -1.65 16.08 25.88
N TYR A 270 -1.57 16.70 27.04
CA TYR A 270 -2.66 16.62 28.00
C TYR A 270 -3.94 17.06 27.33
N LYS A 271 -3.86 18.11 26.50
CA LYS A 271 -5.04 18.72 25.93
C LYS A 271 -5.55 17.85 24.80
N ALA A 272 -4.65 17.25 24.04
CA ALA A 272 -5.08 16.39 22.94
C ALA A 272 -5.81 15.17 23.48
N PHE A 273 -5.18 14.43 24.45
CA PHE A 273 -5.85 13.28 25.17
C PHE A 273 -7.17 13.74 25.82
N ASP A 274 -7.18 14.91 26.40
CA ASP A 274 -8.40 15.37 27.03
C ASP A 274 -9.52 15.53 25.98
N ARG A 275 -9.20 16.11 24.81
CA ARG A 275 -10.19 16.21 23.75
C ARG A 275 -10.64 14.85 23.21
N LEU A 276 -9.73 13.90 23.16
CA LEU A 276 -10.13 12.62 22.64
C LEU A 276 -11.10 11.94 23.60
N LYS A 277 -10.84 12.14 24.89
CA LYS A 277 -11.70 11.61 25.94
C LYS A 277 -13.09 12.21 25.83
N ALA A 278 -13.11 13.51 25.59
CA ALA A 278 -14.35 14.27 25.47
C ALA A 278 -15.21 13.78 24.35
N GLN A 279 -14.63 13.16 23.34
CA GLN A 279 -15.46 12.65 22.26
C GLN A 279 -15.81 11.20 22.54
N GLY A 280 -15.55 10.73 23.75
CA GLY A 280 -15.80 9.36 24.15
C GLY A 280 -14.77 8.39 23.64
N GLN A 281 -13.53 8.82 23.37
CA GLN A 281 -12.53 7.88 22.88
C GLN A 281 -11.22 8.14 23.58
N PRO A 282 -11.19 7.89 24.90
CA PRO A 282 -9.91 8.12 25.57
C PRO A 282 -8.91 7.08 25.04
N LEU A 283 -7.65 7.49 24.96
CA LEU A 283 -6.59 6.57 24.52
C LEU A 283 -6.07 5.63 25.60
N ARG A 284 -5.20 4.71 25.21
CA ARG A 284 -4.80 3.66 26.13
C ARG A 284 -3.47 3.98 26.90
N GLY A 285 -2.77 5.03 26.50
CA GLY A 285 -1.48 5.32 27.15
C GLY A 285 -0.49 6.16 26.38
N VAL A 286 0.75 6.13 26.86
CA VAL A 286 1.79 6.71 26.09
C VAL A 286 2.96 5.72 26.16
N MET A 287 3.86 5.79 25.18
CA MET A 287 5.08 4.93 25.14
C MET A 287 6.29 5.81 24.90
N THR A 288 7.52 5.39 25.26
CA THR A 288 8.64 6.20 24.99
C THR A 288 9.90 5.39 24.71
N TRP A 289 10.69 5.92 23.78
CA TRP A 289 12.03 5.46 23.55
C TRP A 289 12.84 6.54 24.30
N SER A 290 13.35 6.31 25.53
CA SER A 290 13.37 5.04 26.25
C SER A 290 13.63 5.30 27.72
N VAL A 291 13.60 4.27 28.55
CA VAL A 291 13.89 4.48 29.97
C VAL A 291 15.33 4.97 30.18
N ASN A 292 16.23 4.44 29.35
CA ASN A 292 17.66 4.85 29.38
C ASN A 292 17.81 6.32 29.03
N TRP A 293 17.13 6.76 27.96
CA TRP A 293 17.22 8.15 27.62
C TRP A 293 16.58 8.95 28.79
N ASP A 294 15.51 8.45 29.40
CA ASP A 294 14.83 9.24 30.51
C ASP A 294 15.79 9.30 31.70
N MET A 295 16.78 8.40 31.69
CA MET A 295 17.77 8.36 32.76
C MET A 295 19.15 8.81 32.32
N GLY A 296 19.30 9.36 31.12
CA GLY A 296 20.62 9.66 30.55
C GLY A 296 21.07 11.08 30.88
N THR A 297 22.12 11.50 30.22
CA THR A 297 22.58 12.89 30.33
C THR A 297 22.59 13.53 28.96
N ASP A 298 22.42 14.85 28.94
CA ASP A 298 22.63 15.64 27.73
C ASP A 298 24.12 15.78 27.53
N ALA A 299 24.49 16.53 26.49
CA ALA A 299 25.87 16.62 26.05
C ALA A 299 26.76 17.45 26.98
N ALA A 300 26.18 18.35 27.80
CA ALA A 300 26.98 19.07 28.85
C ALA A 300 27.03 18.24 30.09
N ASN A 301 26.88 16.93 29.92
CA ASN A 301 26.73 16.00 31.03
C ASN A 301 25.72 16.38 32.12
N ASN A 302 24.65 17.06 31.76
CA ASN A 302 23.58 17.25 32.71
C ASN A 302 22.51 16.17 32.55
N SER A 303 22.07 15.70 33.69
CA SER A 303 21.19 14.57 33.83
C SER A 303 19.73 14.86 33.40
N TYR A 304 19.18 14.04 32.50
CA TYR A 304 17.73 14.19 32.15
C TYR A 304 16.83 13.98 33.34
N ASN A 305 17.26 13.10 34.23
CA ASN A 305 16.65 12.91 35.55
C ASN A 305 15.13 12.76 35.52
N GLN A 306 14.68 11.89 34.61
CA GLN A 306 13.31 11.33 34.61
C GLN A 306 12.24 12.25 34.13
N GLN A 307 12.63 13.22 33.32
CA GLN A 307 11.70 14.25 32.94
C GLN A 307 10.48 13.73 32.20
N PHE A 308 10.62 12.65 31.45
CA PHE A 308 9.48 12.13 30.68
C PHE A 308 8.41 11.57 31.59
N ILE A 309 8.79 10.62 32.45
CA ILE A 309 7.83 10.04 33.40
C ILE A 309 7.30 11.10 34.40
N LYS A 310 8.09 12.13 34.73
CA LYS A 310 7.52 13.26 35.47
C LYS A 310 6.41 13.93 34.70
N ASP A 311 6.64 14.18 33.41
CA ASP A 311 5.60 14.79 32.60
C ASP A 311 4.33 13.94 32.42
N TYR A 312 4.45 12.65 32.16
CA TYR A 312 3.29 11.85 31.72
C TYR A 312 2.79 10.72 32.61
N GLY A 313 3.61 10.32 33.58
CA GLY A 313 3.26 9.17 34.44
C GLY A 313 1.90 9.29 35.10
N ASN A 314 1.79 10.30 35.92
CA ASN A 314 0.57 10.49 36.67
C ASN A 314 -0.57 10.77 35.72
N PHE A 315 -0.31 11.57 34.69
CA PHE A 315 -1.37 11.88 33.74
C PHE A 315 -2.07 10.67 33.16
N ILE A 316 -1.26 9.72 32.70
CA ILE A 316 -1.78 8.48 32.05
C ILE A 316 -2.45 7.46 33.02
N HIS A 317 -1.85 7.30 34.20
CA HIS A 317 -2.29 6.27 35.18
C HIS A 317 -3.55 6.80 35.87
N ASN A 318 -3.64 8.09 36.12
CA ASN A 318 -4.87 8.61 36.70
C ASN A 318 -6.02 8.77 35.67
N GLN A 319 -6.48 7.68 35.12
CA GLN A 319 -7.53 7.71 34.17
C GLN A 319 -8.31 6.43 34.36
N LEU A 320 -9.54 6.44 33.88
CA LEU A 320 -10.35 5.30 33.94
C LEU A 320 -9.79 4.11 33.19
N PRO A 321 -10.30 2.92 33.54
CA PRO A 321 -9.88 1.78 32.79
C PRO A 321 -10.46 1.91 31.38
N PRO A 322 -9.85 1.24 30.41
CA PRO A 322 -10.22 1.33 29.00
C PRO A 322 -11.56 0.63 28.79
N VAL A 323 -12.35 1.09 27.82
CA VAL A 323 -13.68 0.54 27.51
C VAL A 323 -13.56 0.00 26.10
N THR A 324 -13.70 -1.32 25.95
CA THR A 324 -13.47 -1.99 24.65
C THR A 324 -14.36 -1.61 23.49
N ASP A 325 -13.74 -1.20 22.37
CA ASP A 325 -14.48 -0.97 21.10
C ASP A 325 -14.71 -2.36 20.48
N MET A 326 -15.97 -2.78 20.39
CA MET A 326 -16.33 -4.15 19.90
C MET A 326 -16.93 -4.18 18.47
N THR A 327 -16.63 -3.16 17.70
CA THR A 327 -17.10 -3.13 16.32
C THR A 327 -16.37 -4.21 15.53
N PRO A 328 -17.08 -4.86 14.63
CA PRO A 328 -16.40 -5.87 13.84
C PRO A 328 -15.70 -5.27 12.61
N THR A 329 -15.07 -6.09 11.79
CA THR A 329 -14.39 -5.62 10.61
C THR A 329 -14.78 -6.34 9.35
N LEU A 330 -14.57 -5.62 8.27
CA LEU A 330 -14.79 -6.06 6.91
C LEU A 330 -13.41 -5.94 6.20
N SER A 331 -13.04 -6.96 5.39
CA SER A 331 -11.82 -6.95 4.58
C SER A 331 -12.05 -7.42 3.16
N GLY A 332 -11.23 -6.93 2.27
CA GLY A 332 -11.21 -7.43 0.87
C GLY A 332 -11.98 -6.59 -0.09
N ILE A 333 -12.67 -5.56 0.41
CA ILE A 333 -13.59 -4.72 -0.40
C ILE A 333 -12.91 -3.61 -1.19
N VAL A 334 -13.01 -3.62 -2.51
CA VAL A 334 -12.29 -2.57 -3.27
C VAL A 334 -13.13 -2.28 -4.47
N ASP A 335 -13.37 -1.02 -4.82
CA ASP A 335 -14.23 -0.79 -5.98
C ASP A 335 -13.58 -1.59 -7.14
N THR A 336 -14.41 -2.13 -8.01
CA THR A 336 -14.01 -3.10 -9.05
C THR A 336 -14.66 -2.79 -10.40
N ARG A 337 -13.88 -2.94 -11.47
CA ARG A 337 -14.39 -2.77 -12.85
C ARG A 337 -14.65 -4.15 -13.46
N VAL A 338 -15.82 -4.33 -14.05
CA VAL A 338 -16.14 -5.57 -14.73
C VAL A 338 -16.61 -5.36 -16.18
N GLU A 339 -16.10 -6.21 -17.07
CA GLU A 339 -16.48 -6.23 -18.49
C GLU A 339 -17.95 -6.56 -18.63
N LEU A 340 -18.63 -5.82 -19.49
CA LEU A 340 -20.04 -6.06 -19.83
C LEU A 340 -20.25 -7.57 -20.10
N ASP A 341 -21.31 -8.10 -19.50
CA ASP A 341 -21.70 -9.52 -19.64
C ASP A 341 -20.74 -10.52 -18.98
N SER A 342 -19.81 -10.10 -18.13
CA SER A 342 -19.07 -11.11 -17.29
C SER A 342 -19.95 -11.58 -16.13
N HIS A 343 -19.59 -12.70 -15.52
CA HIS A 343 -20.26 -13.13 -14.28
C HIS A 343 -19.62 -12.36 -13.14
N PHE A 344 -20.43 -11.73 -12.32
CA PHE A 344 -19.94 -11.07 -11.14
C PHE A 344 -20.55 -11.65 -9.88
N ASP A 345 -19.69 -12.12 -8.98
CA ASP A 345 -20.09 -12.64 -7.68
C ASP A 345 -19.67 -11.68 -6.57
N PRO A 346 -20.66 -11.08 -5.90
CA PRO A 346 -20.51 -10.05 -4.92
C PRO A 346 -19.80 -10.46 -3.63
N LEU A 347 -19.77 -11.76 -3.33
CA LEU A 347 -19.11 -12.18 -2.10
C LEU A 347 -17.64 -12.55 -2.24
N ILE A 348 -17.15 -12.81 -3.45
CA ILE A 348 -15.85 -13.46 -3.63
C ILE A 348 -14.76 -12.52 -3.13
N GLY A 349 -13.88 -13.07 -2.31
CA GLY A 349 -12.82 -12.26 -1.70
C GLY A 349 -13.15 -11.39 -0.48
N ILE A 350 -14.40 -11.37 -0.06
CA ILE A 350 -14.80 -10.51 1.05
C ILE A 350 -14.93 -11.35 2.29
N THR A 351 -14.38 -10.84 3.38
CA THR A 351 -14.41 -11.53 4.65
C THR A 351 -14.71 -10.59 5.82
N ALA A 352 -15.03 -11.16 6.96
CA ALA A 352 -15.29 -10.33 8.13
C ALA A 352 -14.81 -11.00 9.41
N LYS A 353 -14.51 -10.20 10.43
CA LYS A 353 -14.21 -10.69 11.75
C LYS A 353 -14.90 -9.87 12.81
N ASP A 354 -15.16 -10.54 13.94
CA ASP A 354 -15.55 -9.85 15.17
C ASP A 354 -14.34 -9.23 15.86
N TYR A 355 -14.58 -8.50 16.93
CA TYR A 355 -13.49 -7.75 17.52
C TYR A 355 -12.38 -8.59 18.21
N GLN A 356 -12.55 -9.90 18.29
CA GLN A 356 -11.51 -10.77 18.85
C GLN A 356 -11.00 -11.69 17.77
N GLY A 357 -11.22 -11.30 16.53
CA GLY A 357 -10.67 -11.99 15.40
C GLY A 357 -11.39 -13.25 14.99
N ASN A 358 -12.52 -13.57 15.58
CA ASN A 358 -13.25 -14.70 15.03
C ASN A 358 -13.78 -14.38 13.68
N ASP A 359 -13.75 -15.39 12.80
CA ASP A 359 -14.25 -15.32 11.45
C ASP A 359 -15.76 -15.26 11.50
N ILE A 360 -16.34 -14.24 10.88
CA ILE A 360 -17.79 -14.15 10.77
C ILE A 360 -18.20 -13.78 9.37
N THR A 361 -17.40 -14.22 8.40
CA THR A 361 -17.69 -13.99 6.99
C THR A 361 -19.13 -14.43 6.63
N ALA A 362 -19.63 -15.47 7.27
CA ALA A 362 -20.91 -16.05 6.87
C ALA A 362 -22.09 -15.10 7.12
N ASP A 363 -21.86 -14.17 8.04
CA ASP A 363 -22.88 -13.22 8.50
C ASP A 363 -22.88 -11.95 7.68
N VAL A 364 -21.97 -11.83 6.71
CA VAL A 364 -21.86 -10.65 5.90
C VAL A 364 -23.12 -10.56 5.05
N THR A 365 -23.76 -9.39 4.97
CA THR A 365 -24.87 -9.20 4.00
C THR A 365 -24.56 -8.09 3.00
N VAL A 366 -25.20 -8.13 1.87
CA VAL A 366 -24.91 -7.20 0.78
C VAL A 366 -26.23 -6.57 0.31
N SER A 367 -26.34 -5.23 0.25
CA SER A 367 -27.47 -4.62 -0.46
C SER A 367 -27.06 -3.86 -1.71
N GLY A 368 -27.98 -3.79 -2.66
CA GLY A 368 -27.72 -3.21 -3.95
C GLY A 368 -27.45 -4.35 -4.90
N SER A 369 -27.43 -4.07 -6.20
CA SER A 369 -27.28 -5.12 -7.15
C SER A 369 -26.55 -4.71 -8.38
N VAL A 370 -25.83 -5.63 -8.98
CA VAL A 370 -25.10 -5.33 -10.19
C VAL A 370 -25.82 -5.99 -11.35
N ASN A 371 -26.06 -5.23 -12.42
CA ASN A 371 -26.43 -5.74 -13.71
C ASN A 371 -25.24 -5.71 -14.67
N THR A 372 -24.59 -6.87 -14.89
CA THR A 372 -23.41 -6.85 -15.77
C THR A 372 -23.83 -6.73 -17.24
N ASN A 373 -25.14 -6.79 -17.48
CA ASN A 373 -25.66 -6.69 -18.82
C ASN A 373 -25.89 -5.23 -19.26
N GLN A 374 -25.68 -4.27 -18.36
CA GLN A 374 -25.77 -2.86 -18.71
C GLN A 374 -24.55 -2.04 -18.20
N VAL A 375 -23.83 -1.45 -19.15
CA VAL A 375 -22.76 -0.55 -18.83
C VAL A 375 -23.24 0.50 -17.86
N GLY A 376 -22.36 0.90 -16.95
CA GLY A 376 -22.72 1.85 -15.90
C GLY A 376 -22.16 1.50 -14.55
N ASP A 377 -22.62 2.25 -13.57
CA ASP A 377 -22.14 2.19 -12.19
C ASP A 377 -23.22 1.55 -11.29
N TYR A 378 -22.77 0.71 -10.36
CA TYR A 378 -23.68 0.08 -9.38
C TYR A 378 -23.02 0.10 -7.98
N LEU A 379 -23.72 0.68 -7.01
CA LEU A 379 -23.22 0.77 -5.65
C LEU A 379 -23.69 -0.42 -4.86
N LEU A 380 -22.75 -1.17 -4.28
CA LEU A 380 -23.15 -2.18 -3.29
C LEU A 380 -22.78 -1.65 -1.92
N THR A 381 -23.54 -2.10 -0.91
CA THR A 381 -23.11 -1.96 0.47
C THR A 381 -23.05 -3.26 1.26
N TYR A 382 -21.90 -3.49 1.89
CA TYR A 382 -21.68 -4.68 2.71
C TYR A 382 -21.90 -4.28 4.14
N SER A 383 -22.41 -5.19 4.91
CA SER A 383 -22.62 -4.93 6.33
C SER A 383 -22.46 -6.20 7.13
N VAL A 384 -22.09 -6.07 8.39
CA VAL A 384 -21.93 -7.26 9.29
C VAL A 384 -22.06 -6.74 10.69
N SER A 385 -22.63 -7.56 11.56
CA SER A 385 -22.96 -7.17 12.93
C SER A 385 -22.56 -8.26 13.83
N SER A 386 -22.21 -7.92 15.06
CA SER A 386 -21.74 -8.90 16.04
C SER A 386 -21.49 -8.13 17.32
N ASP A 387 -21.78 -8.73 18.46
CA ASP A 387 -21.58 -8.07 19.76
C ASP A 387 -22.22 -6.72 19.85
N ASP A 388 -23.35 -6.62 19.19
CA ASP A 388 -24.21 -5.43 19.15
C ASP A 388 -23.49 -4.26 18.56
N GLU A 389 -22.75 -4.50 17.48
CA GLU A 389 -22.24 -3.43 16.68
C GLU A 389 -22.36 -3.89 15.27
N THR A 390 -22.16 -2.95 14.34
CA THR A 390 -22.35 -3.18 12.93
C THR A 390 -21.24 -2.47 12.20
N THR A 391 -20.78 -3.01 11.07
CA THR A 391 -19.89 -2.18 10.21
C THR A 391 -20.39 -2.37 8.86
N ASN A 392 -20.26 -1.29 8.08
CA ASN A 392 -20.64 -1.25 6.68
C ASN A 392 -19.53 -0.68 5.86
N GLN A 393 -19.49 -1.06 4.61
CA GLN A 393 -18.58 -0.46 3.69
C GLN A 393 -19.15 -0.47 2.29
N PRO A 394 -19.03 0.66 1.54
CA PRO A 394 -19.52 0.58 0.19
C PRO A 394 -18.52 -0.01 -0.79
N ARG A 395 -19.04 -0.34 -1.95
CA ARG A 395 -18.22 -0.80 -3.02
C ARG A 395 -18.85 -0.39 -4.31
N LYS A 396 -18.08 0.26 -5.19
CA LYS A 396 -18.52 0.66 -6.51
C LYS A 396 -18.22 -0.48 -7.45
N ILE A 397 -19.22 -0.95 -8.19
CA ILE A 397 -18.97 -1.84 -9.27
C ILE A 397 -19.31 -1.13 -10.57
N THR A 398 -18.32 -0.88 -11.42
CA THR A 398 -18.52 -0.21 -12.72
C THR A 398 -18.45 -1.20 -13.87
N VAL A 399 -19.50 -1.30 -14.67
CA VAL A 399 -19.48 -2.20 -15.81
C VAL A 399 -19.11 -1.42 -17.04
N TYR A 400 -18.22 -1.94 -17.85
CA TYR A 400 -17.73 -1.17 -18.98
C TYR A 400 -17.57 -2.05 -20.17
N GLU A 401 -17.31 -1.38 -21.28
CA GLU A 401 -17.28 -2.00 -22.56
C GLU A 401 -16.08 -1.59 -23.33
N ILE A 402 -15.46 -2.55 -24.01
CA ILE A 402 -14.34 -2.36 -24.91
C ILE A 402 -14.74 -2.51 -26.37
N LEU A 403 -14.37 -1.52 -27.20
CA LEU A 403 -14.57 -1.54 -28.66
C LEU A 403 -13.78 -2.66 -29.35
N PRO A 404 -14.40 -3.39 -30.29
CA PRO A 404 -13.57 -4.32 -31.07
C PRO A 404 -12.50 -3.61 -31.94
N ALA A 405 -11.61 -4.36 -32.56
CA ALA A 405 -10.58 -3.76 -33.42
C ALA A 405 -10.54 -4.50 -34.75
N PHE A 406 -10.47 -3.76 -35.85
CA PHE A 406 -10.21 -4.27 -37.19
C PHE A 406 -8.72 -4.53 -37.37
N THR A 407 -8.40 -5.49 -38.22
CA THR A 407 -7.01 -5.58 -38.70
C THR A 407 -7.00 -5.82 -40.20
N GLY A 408 -5.92 -5.41 -40.84
CA GLY A 408 -5.79 -5.60 -42.27
C GLY A 408 -6.55 -4.65 -43.17
N ILE A 409 -7.08 -3.55 -42.64
CA ILE A 409 -7.77 -2.56 -43.50
C ILE A 409 -6.86 -1.39 -43.82
N THR A 410 -5.93 -1.63 -44.69
CA THR A 410 -4.99 -0.54 -44.99
C THR A 410 -5.09 -0.38 -46.47
N ASP A 411 -4.76 0.82 -46.90
CA ASP A 411 -4.83 1.21 -48.27
C ASP A 411 -3.80 0.37 -49.01
N THR A 412 -4.11 -0.05 -50.21
CA THR A 412 -3.20 -0.89 -50.97
C THR A 412 -3.31 -0.59 -52.50
N THR A 413 -2.25 -0.86 -53.26
CA THR A 413 -2.29 -0.72 -54.73
C THR A 413 -2.28 -2.12 -55.33
N VAL A 414 -3.01 -2.36 -56.40
CA VAL A 414 -2.96 -3.65 -57.04
C VAL A 414 -2.82 -3.45 -58.55
N VAL A 415 -2.22 -4.41 -59.23
CA VAL A 415 -1.92 -4.28 -60.63
C VAL A 415 -3.17 -4.62 -61.40
N ILE A 416 -3.36 -3.90 -62.49
CA ILE A 416 -4.47 -4.15 -63.37
C ILE A 416 -4.62 -5.67 -63.53
N ASP A 417 -5.86 -6.13 -63.63
CA ASP A 417 -6.23 -7.52 -63.89
C ASP A 417 -5.93 -8.58 -62.81
N SER A 418 -5.26 -8.20 -61.72
CA SER A 418 -5.19 -9.05 -60.54
C SER A 418 -6.57 -9.44 -59.97
N GLU A 419 -6.53 -10.34 -59.02
CA GLU A 419 -7.72 -10.79 -58.35
C GLU A 419 -7.60 -10.19 -57.03
N PHE A 420 -8.69 -9.63 -56.56
CA PHE A 420 -8.65 -8.94 -55.32
C PHE A 420 -9.83 -9.39 -54.56
N ASP A 421 -9.58 -9.75 -53.34
CA ASP A 421 -10.55 -10.27 -52.43
C ASP A 421 -10.59 -9.25 -51.29
N PRO A 422 -11.64 -8.44 -51.22
CA PRO A 422 -11.82 -7.45 -50.15
C PRO A 422 -11.56 -7.98 -48.73
N MET A 423 -11.65 -9.31 -48.51
CA MET A 423 -11.43 -9.87 -47.16
C MET A 423 -10.10 -10.58 -46.90
N GLN A 424 -9.24 -10.74 -47.89
CA GLN A 424 -7.99 -11.44 -47.69
C GLN A 424 -7.23 -10.54 -46.72
N GLY A 425 -6.71 -11.17 -45.64
CA GLY A 425 -5.96 -10.50 -44.59
C GLY A 425 -6.77 -9.59 -43.68
N VAL A 426 -8.10 -9.69 -43.73
CA VAL A 426 -8.97 -8.83 -42.94
C VAL A 426 -9.66 -9.56 -41.80
N SER A 427 -9.54 -9.05 -40.59
CA SER A 427 -10.30 -9.66 -39.47
C SER A 427 -10.70 -8.62 -38.46
N ALA A 428 -11.49 -9.07 -37.50
CA ALA A 428 -11.90 -8.23 -36.39
C ALA A 428 -11.89 -9.12 -35.14
N SER A 429 -11.62 -8.51 -34.00
CA SER A 429 -11.74 -9.23 -32.76
C SER A 429 -12.12 -8.34 -31.59
N HIS A 430 -12.57 -9.03 -30.56
CA HIS A 430 -13.01 -8.43 -29.32
C HIS A 430 -12.50 -9.33 -28.19
N PRO A 431 -12.30 -8.75 -26.98
CA PRO A 431 -11.69 -9.55 -25.93
C PRO A 431 -12.54 -10.64 -25.35
N THR A 432 -13.85 -10.46 -25.29
CA THR A 432 -14.74 -11.48 -24.76
C THR A 432 -15.63 -12.06 -25.83
N GLN A 433 -15.91 -11.32 -26.92
CA GLN A 433 -16.74 -11.88 -28.00
C GLN A 433 -15.91 -12.66 -29.01
N GLY A 434 -14.59 -12.50 -29.02
CA GLY A 434 -13.74 -13.35 -29.88
C GLY A 434 -13.53 -12.90 -31.33
N ASP A 435 -13.42 -13.89 -32.22
CA ASP A 435 -13.24 -13.66 -33.66
C ASP A 435 -14.57 -13.16 -34.29
N LEU A 436 -14.59 -11.88 -34.64
CA LEU A 436 -15.75 -11.22 -35.27
C LEU A 436 -15.55 -11.09 -36.81
N THR A 437 -14.52 -11.74 -37.35
CA THR A 437 -14.30 -11.69 -38.80
C THR A 437 -15.56 -12.00 -39.60
N ALA A 438 -16.42 -12.90 -39.15
CA ALA A 438 -17.64 -13.25 -39.94
C ALA A 438 -18.74 -12.20 -39.86
N ASN A 439 -18.55 -11.22 -38.98
CA ASN A 439 -19.52 -10.17 -38.74
C ASN A 439 -19.20 -8.89 -39.56
N ILE A 440 -18.14 -8.93 -40.38
CA ILE A 440 -17.72 -7.78 -41.18
C ILE A 440 -18.48 -7.79 -42.56
N THR A 441 -18.97 -6.61 -42.95
CA THR A 441 -19.50 -6.36 -44.32
C THR A 441 -18.66 -5.33 -45.06
N VAL A 442 -18.62 -5.47 -46.38
CA VAL A 442 -17.86 -4.61 -47.27
C VAL A 442 -18.81 -3.76 -48.15
N THR A 443 -18.65 -2.45 -48.19
CA THR A 443 -19.46 -1.59 -49.09
C THR A 443 -18.55 -1.00 -50.09
N GLY A 444 -18.94 -1.13 -51.36
CA GLY A 444 -18.13 -0.74 -52.50
C GLY A 444 -17.58 -1.98 -53.17
N GLU A 445 -17.15 -1.84 -54.41
CA GLU A 445 -16.38 -2.88 -55.10
C GLU A 445 -15.09 -2.33 -55.70
N VAL A 446 -14.17 -3.23 -56.00
CA VAL A 446 -12.99 -2.94 -56.79
C VAL A 446 -13.10 -3.61 -58.21
N ASP A 447 -12.94 -2.82 -59.28
CA ASP A 447 -12.81 -3.32 -60.67
C ASP A 447 -11.33 -3.27 -61.13
N THR A 448 -10.67 -4.36 -60.85
CA THR A 448 -9.32 -4.66 -61.27
C THR A 448 -9.05 -4.57 -62.80
N ASN A 449 -10.09 -4.67 -63.63
CA ASN A 449 -9.99 -4.45 -65.10
C ASN A 449 -9.89 -2.94 -65.46
N VAL A 450 -10.12 -2.03 -64.49
CA VAL A 450 -10.18 -0.56 -64.76
C VAL A 450 -9.34 0.28 -63.81
N VAL A 451 -8.30 0.92 -64.35
CA VAL A 451 -7.39 1.79 -63.55
C VAL A 451 -8.19 2.82 -62.75
N GLY A 452 -7.88 3.01 -61.49
CA GLY A 452 -8.58 4.04 -60.72
C GLY A 452 -8.57 3.80 -59.23
N VAL A 453 -9.26 4.64 -58.47
CA VAL A 453 -9.29 4.59 -57.00
C VAL A 453 -10.66 4.07 -56.58
N TYR A 454 -10.67 2.96 -55.86
CA TYR A 454 -11.85 2.33 -55.38
C TYR A 454 -11.95 2.40 -53.84
N GLU A 455 -13.03 2.97 -53.33
CA GLU A 455 -13.14 3.24 -51.91
C GLU A 455 -14.06 2.13 -51.31
N LEU A 456 -13.61 1.45 -50.26
CA LEU A 456 -14.36 0.38 -49.62
C LEU A 456 -14.61 0.82 -48.19
N THR A 457 -15.85 0.74 -47.75
CA THR A 457 -16.18 0.89 -46.33
C THR A 457 -16.49 -0.48 -45.67
N TYR A 458 -15.67 -0.82 -44.70
CA TYR A 458 -15.90 -2.02 -43.92
C TYR A 458 -16.78 -1.68 -42.73
N GLN A 459 -17.86 -2.47 -42.59
CA GLN A 459 -18.67 -2.42 -41.40
C GLN A 459 -18.56 -3.70 -40.50
N LEU A 460 -18.47 -3.50 -39.20
CA LEU A 460 -18.51 -4.62 -38.25
C LEU A 460 -19.70 -4.44 -37.38
N PHE A 461 -20.53 -5.49 -37.33
CA PHE A 461 -21.70 -5.50 -36.47
C PHE A 461 -21.37 -6.44 -35.30
N TYR A 462 -21.83 -6.11 -34.10
CA TYR A 462 -21.39 -6.84 -32.95
C TYR A 462 -22.29 -6.57 -31.76
N GLY A 463 -21.98 -7.27 -30.66
CA GLY A 463 -22.68 -7.20 -29.41
C GLY A 463 -23.99 -7.89 -29.52
N GLN A 464 -24.84 -7.57 -28.58
CA GLN A 464 -26.06 -8.34 -28.45
C GLN A 464 -26.92 -8.06 -29.66
N ASP A 465 -27.36 -9.13 -30.32
CA ASP A 465 -28.18 -8.97 -31.50
C ASP A 465 -27.46 -8.17 -32.59
N ASN A 466 -26.13 -8.15 -32.58
CA ASN A 466 -25.41 -7.49 -33.64
C ASN A 466 -25.94 -6.06 -33.90
N GLN A 467 -26.42 -5.41 -32.84
CA GLN A 467 -26.94 -4.06 -32.91
C GLN A 467 -25.90 -2.97 -32.67
N GLN A 468 -24.67 -3.33 -32.41
CA GLN A 468 -23.63 -2.32 -32.38
C GLN A 468 -22.86 -2.37 -33.63
N ASN A 469 -22.21 -1.26 -33.96
CA ASN A 469 -21.53 -1.19 -35.22
C ASN A 469 -20.29 -0.26 -35.13
N MET A 470 -19.20 -0.61 -35.81
CA MET A 470 -18.12 0.31 -36.10
C MET A 470 -17.86 0.26 -37.60
N THR A 471 -17.14 1.27 -38.07
CA THR A 471 -16.86 1.45 -39.50
C THR A 471 -15.46 1.89 -39.76
N ASP A 472 -14.89 1.47 -40.85
CA ASP A 472 -13.60 1.99 -41.26
C ASP A 472 -13.62 1.97 -42.80
N LYS A 473 -12.69 2.70 -43.41
CA LYS A 473 -12.57 2.85 -44.87
C LYS A 473 -11.18 2.49 -45.35
N ARG A 474 -11.11 2.04 -46.59
CA ARG A 474 -9.90 1.62 -47.23
C ARG A 474 -9.94 2.06 -48.73
N ILE A 475 -8.80 2.52 -49.24
CA ILE A 475 -8.74 2.84 -50.62
C ILE A 475 -7.87 1.84 -51.31
N VAL A 476 -8.40 1.27 -52.36
CA VAL A 476 -7.68 0.35 -53.23
C VAL A 476 -7.48 1.00 -54.60
N THR A 477 -6.20 1.17 -54.98
CA THR A 477 -5.79 1.83 -56.22
C THR A 477 -5.42 0.73 -57.18
N VAL A 478 -6.05 0.70 -58.35
CA VAL A 478 -5.74 -0.28 -59.40
C VAL A 478 -4.82 0.45 -60.39
N VAL A 479 -3.56 0.05 -60.43
CA VAL A 479 -2.59 0.66 -61.33
C VAL A 479 -2.23 -0.19 -62.51
N THR A 480 -1.85 0.55 -63.51
CA THR A 480 -1.55 0.02 -64.77
C THR A 480 -0.20 -0.71 -64.74
N ASP A 481 -0.18 -1.83 -65.44
CA ASP A 481 1.01 -2.61 -65.63
C ASP A 481 1.95 -1.96 -66.67
N ALA A 482 1.35 -1.39 -67.74
CA ALA A 482 2.06 -0.95 -68.96
C ALA A 482 3.13 0.14 -68.73
N VAL A 483 4.28 0.01 -69.37
CA VAL A 483 5.34 1.04 -69.24
C VAL A 483 4.97 2.31 -70.03
N SER A 484 5.42 3.45 -69.52
CA SER A 484 5.09 4.76 -70.09
C SER A 484 6.33 5.66 -70.21
N ASP A 485 6.15 6.75 -70.94
CA ASP A 485 7.18 7.77 -71.03
C ASP A 485 7.35 8.32 -69.63
N ASP A 486 8.60 8.50 -69.24
CA ASP A 486 8.94 9.08 -67.97
C ASP A 486 8.29 10.40 -67.69
N ASP A 487 8.12 10.64 -66.39
CA ASP A 487 7.50 11.85 -65.91
C ASP A 487 8.41 13.00 -66.21
N TRP A 488 7.80 14.11 -66.63
CA TRP A 488 8.48 15.40 -66.82
C TRP A 488 9.07 15.87 -65.53
N GLN A 489 10.30 16.37 -65.56
CA GLN A 489 10.90 17.05 -64.37
C GLN A 489 11.16 18.52 -64.68
N VAL A 490 10.84 19.36 -63.71
CA VAL A 490 11.02 20.80 -63.85
C VAL A 490 12.48 21.09 -64.16
N GLY A 491 13.37 20.36 -63.51
CA GLY A 491 14.80 20.57 -63.66
C GLY A 491 15.45 19.94 -64.89
N SER A 492 14.78 19.00 -65.55
CA SER A 492 15.42 18.25 -66.64
C SER A 492 15.48 19.09 -67.89
N THR A 493 16.41 18.75 -68.78
CA THR A 493 16.50 19.38 -70.10
C THR A 493 15.99 18.42 -71.16
N TYR A 494 15.16 18.90 -72.07
CA TYR A 494 14.54 18.04 -73.09
C TYR A 494 14.91 18.50 -74.50
N VAL A 495 14.92 17.53 -75.45
CA VAL A 495 15.29 17.76 -76.87
C VAL A 495 14.05 17.56 -77.75
N LYS A 496 13.99 18.23 -78.92
CA LYS A 496 12.92 17.99 -79.89
C LYS A 496 12.60 16.49 -79.94
N ASP A 497 11.30 16.18 -79.88
CA ASP A 497 10.79 14.82 -79.94
C ASP A 497 10.95 14.00 -78.68
N ASP A 498 11.64 14.51 -77.68
CA ASP A 498 11.61 13.84 -76.38
C ASP A 498 10.18 13.86 -75.84
N LYS A 499 9.75 12.76 -75.23
CA LYS A 499 8.40 12.71 -74.70
C LYS A 499 8.38 12.35 -73.21
N VAL A 500 7.37 12.88 -72.55
CA VAL A 500 7.20 12.80 -71.14
C VAL A 500 5.72 12.62 -70.85
N THR A 501 5.46 12.02 -69.71
CA THR A 501 4.14 12.00 -69.11
C THR A 501 4.03 13.18 -68.14
N HIS A 502 2.87 13.84 -68.11
CA HIS A 502 2.63 14.81 -67.05
C HIS A 502 1.17 15.20 -67.03
N ASN A 503 0.58 15.21 -65.84
CA ASN A 503 -0.85 15.40 -65.64
C ASN A 503 -1.72 14.52 -66.57
N GLY A 504 -1.38 13.24 -66.65
CA GLY A 504 -2.19 12.27 -67.36
C GLY A 504 -2.01 12.20 -68.85
N ALA A 505 -1.18 13.08 -69.41
CA ALA A 505 -1.00 13.07 -70.83
C ALA A 505 0.44 12.78 -71.23
N THR A 506 0.63 12.43 -72.49
CA THR A 506 1.93 12.26 -73.06
C THR A 506 2.19 13.45 -73.98
N TRP A 507 3.34 14.06 -73.76
CA TRP A 507 3.69 15.26 -74.47
C TRP A 507 5.04 15.09 -75.17
N THR A 508 5.17 15.70 -76.34
CA THR A 508 6.37 15.67 -77.15
C THR A 508 6.87 17.10 -77.24
N ALA A 509 8.15 17.30 -76.87
CA ALA A 509 8.87 18.58 -77.02
C ALA A 509 9.09 18.97 -78.47
N GLN A 510 8.81 20.23 -78.79
CA GLN A 510 9.03 20.78 -80.12
C GLN A 510 10.43 21.37 -80.31
N TRP A 511 11.21 21.44 -79.23
CA TRP A 511 12.59 21.93 -79.28
C TRP A 511 13.26 21.81 -77.91
N TRP A 512 14.29 22.62 -77.64
CA TRP A 512 15.02 22.58 -76.35
C TRP A 512 14.21 23.16 -75.23
N THR A 513 14.14 22.48 -74.09
CA THR A 513 13.34 23.02 -72.98
C THR A 513 13.88 22.67 -71.62
N LYS A 514 13.77 23.64 -70.73
CA LYS A 514 14.00 23.40 -69.33
C LYS A 514 12.96 24.17 -68.52
N GLY A 515 12.33 23.49 -67.56
CA GLY A 515 11.46 24.17 -66.59
C GLY A 515 10.13 24.75 -67.07
N GLU A 516 9.60 24.27 -68.20
CA GLU A 516 8.30 24.71 -68.68
C GLU A 516 7.36 23.54 -68.54
N GLU A 517 6.23 23.75 -67.84
CA GLU A 517 5.29 22.66 -67.46
C GLU A 517 4.47 22.30 -68.66
N PRO A 518 4.51 21.04 -69.08
CA PRO A 518 3.53 20.66 -70.12
C PRO A 518 2.11 20.97 -69.70
N GLY A 519 1.30 21.34 -70.67
CA GLY A 519 -0.03 21.87 -70.38
C GLY A 519 -0.12 23.38 -70.20
N THR A 520 1.00 24.04 -69.91
CA THR A 520 0.99 25.48 -69.64
C THR A 520 1.51 26.33 -70.78
N THR A 521 1.99 25.71 -71.86
CA THR A 521 2.62 26.46 -72.94
C THR A 521 1.67 26.77 -74.10
N GLY A 522 0.35 26.79 -73.82
CA GLY A 522 -0.68 27.24 -74.78
C GLY A 522 -0.78 26.48 -76.10
N GLU A 523 -1.50 27.06 -77.07
CA GLU A 523 -1.81 26.39 -78.36
C GLU A 523 -0.56 26.16 -79.19
N TRP A 524 0.30 27.15 -79.28
CA TRP A 524 1.56 26.95 -79.98
C TRP A 524 2.73 27.20 -79.05
N GLY A 525 3.07 26.24 -78.20
CA GLY A 525 4.31 26.30 -77.37
C GLY A 525 5.24 25.08 -77.47
N VAL A 526 6.12 24.89 -76.50
CA VAL A 526 7.17 23.88 -76.69
C VAL A 526 6.65 22.44 -76.53
N TRP A 527 5.55 22.28 -75.78
CA TRP A 527 5.00 20.97 -75.42
C TRP A 527 3.70 20.74 -76.15
N ARG A 528 3.62 19.71 -76.99
CA ARG A 528 2.37 19.37 -77.68
C ARG A 528 1.96 17.89 -77.38
NA NA B . 6.35 -12.83 33.47
C1 GOL C . -13.08 0.85 -1.70
O1 GOL C . -12.59 1.16 -3.01
C2 GOL C . -14.46 1.36 -1.40
O2 GOL C . -14.70 1.37 0.02
C3 GOL C . -14.77 2.77 -1.93
O3 GOL C . -16.11 2.73 -2.51
#